data_4M9R
#
_entry.id   4M9R
#
_cell.length_a   121.070
_cell.length_b   121.070
_cell.length_c   58.470
_cell.angle_alpha   90.00
_cell.angle_beta   90.00
_cell.angle_gamma   90.00
#
_symmetry.space_group_name_H-M   'I 41'
#
loop_
_entity.id
_entity.type
_entity.pdbx_description
1 polymer 'Cell death protein 3'
2 water water
#
_entity_poly.entity_id   1
_entity_poly.type   'polypeptide(L)'
_entity_poly.pdbx_seq_one_letter_code
;NRSFSKASGPTQYIFHEEDMNFVDAPTISRVFDEKTMYRNFSSPRGMCLIINNEHFEQMPTRNGTKADKDNLTNLFRCMG
YTVICKDNLTGRGMLLTIRDFAKHESHGDSAILVILSHGEENVIIGVDDIPISTHEIYDLLNAANAPRLANKPKIVFVQA
SRGERRDNGFPVLDSVDGVPAFLRRGWDNRDGPLFNFLGCVRPQVQQVWRKKPSQADILIAYATTAQYVSWRNSARGSWF
IQAVCEVFSTHAKDMDVVELLTEVNKKVACGFQTSQGSNILKQMPEMTSRLLKKFYFWPEARNSAV
;
_entity_poly.pdbx_strand_id   A,B
#
# COMPACT_ATOMS: atom_id res chain seq x y z
N THR A 11 13.71 29.22 -2.28
CA THR A 11 12.82 28.10 -2.04
C THR A 11 13.56 26.77 -2.07
N GLN A 12 13.92 26.28 -0.89
CA GLN A 12 14.67 25.05 -0.76
C GLN A 12 14.15 24.33 0.48
N TYR A 13 13.00 23.69 0.35
CA TYR A 13 12.24 23.18 1.49
C TYR A 13 13.06 22.55 2.61
N ILE A 14 12.72 22.92 3.84
CA ILE A 14 13.33 22.36 5.03
C ILE A 14 12.25 22.25 6.12
N PHE A 15 12.20 21.11 6.80
CA PHE A 15 11.23 20.93 7.88
C PHE A 15 11.66 21.69 9.14
N HIS A 16 10.72 22.41 9.73
CA HIS A 16 10.96 23.14 10.98
C HIS A 16 10.03 22.66 12.08
N GLU A 17 10.55 22.54 13.30
CA GLU A 17 9.76 22.16 14.46
C GLU A 17 8.45 22.94 14.52
N GLU A 18 8.51 24.21 14.14
CA GLU A 18 7.36 25.10 14.22
C GLU A 18 6.23 24.64 13.32
N ASP A 19 6.59 24.07 12.19
CA ASP A 19 5.60 23.62 11.21
C ASP A 19 4.69 22.54 11.79
N MET A 20 5.19 21.82 12.78
CA MET A 20 4.48 20.66 13.32
C MET A 20 3.23 21.05 14.10
N ASN A 21 2.16 20.27 13.92
CA ASN A 21 0.96 20.38 14.74
C ASN A 21 0.88 19.22 15.71
N PHE A 22 0.48 19.51 16.94
CA PHE A 22 0.57 18.52 18.01
C PHE A 22 -0.79 18.22 18.63
N VAL A 23 -0.90 17.04 19.24
CA VAL A 23 -2.09 16.68 20.00
C VAL A 23 -1.81 16.79 21.49
N ASP A 24 -2.88 16.87 22.28
CA ASP A 24 -2.76 16.88 23.73
C ASP A 24 -3.28 15.57 24.28
N ALA A 25 -2.80 15.19 25.47
CA ALA A 25 -3.21 13.94 26.10
C ALA A 25 -4.73 13.75 26.13
N PRO A 26 -5.48 14.82 26.43
CA PRO A 26 -6.94 14.71 26.48
C PRO A 26 -7.52 14.06 25.23
N THR A 27 -7.19 14.61 24.07
CA THR A 27 -7.68 14.08 22.79
C THR A 27 -7.26 12.62 22.60
N ILE A 28 -6.02 12.31 22.96
CA ILE A 28 -5.52 10.94 22.86
C ILE A 28 -6.30 10.01 23.78
N SER A 29 -6.62 10.48 24.98
CA SER A 29 -7.41 9.70 25.93
C SER A 29 -8.80 9.44 25.36
N ARG A 30 -9.35 10.46 24.70
CA ARG A 30 -10.69 10.39 24.15
C ARG A 30 -10.73 9.56 22.86
N VAL A 31 -9.80 9.86 21.96
CA VAL A 31 -9.78 9.25 20.64
C VAL A 31 -9.37 7.78 20.63
N PHE A 32 -8.39 7.43 21.46
CA PHE A 32 -7.83 6.09 21.41
C PHE A 32 -8.88 5.00 21.56
N ASP A 33 -8.62 3.88 20.89
CA ASP A 33 -9.46 2.69 21.00
C ASP A 33 -8.63 1.46 20.64
N GLU A 34 -8.21 0.72 21.66
CA GLU A 34 -7.34 -0.44 21.48
C GLU A 34 -7.82 -1.35 20.34
N LYS A 35 -9.13 -1.47 20.18
CA LYS A 35 -9.70 -2.40 19.21
C LYS A 35 -9.41 -1.98 17.78
N THR A 36 -9.35 -0.67 17.55
CA THR A 36 -9.27 -0.16 16.19
C THR A 36 -7.91 0.45 15.84
N MET A 37 -7.17 0.88 16.86
CA MET A 37 -5.90 1.55 16.62
C MET A 37 -4.78 0.98 17.48
N TYR A 38 -3.54 1.14 17.00
CA TYR A 38 -2.37 0.67 17.72
C TYR A 38 -2.05 1.59 18.88
N ARG A 39 -1.57 1.00 19.96
CA ARG A 39 -1.12 1.74 21.13
C ARG A 39 0.22 2.40 20.81
N ASN A 40 0.28 3.71 20.96
CA ASN A 40 1.51 4.45 20.66
C ASN A 40 1.69 5.67 21.57
N PHE A 41 2.01 5.40 22.84
CA PHE A 41 2.05 6.43 23.85
C PHE A 41 3.35 6.45 24.64
N SER A 42 4.25 5.54 24.32
CA SER A 42 5.57 5.54 24.93
C SER A 42 6.09 6.97 24.97
N SER A 43 6.65 7.36 26.11
CA SER A 43 7.15 8.73 26.28
C SER A 43 8.14 9.06 25.17
N PRO A 44 9.23 8.28 25.04
CA PRO A 44 9.80 8.24 23.69
C PRO A 44 8.95 7.26 22.89
N ARG A 45 8.17 7.76 21.94
CA ARG A 45 7.30 6.93 21.11
C ARG A 45 7.96 5.60 20.78
N GLY A 46 9.23 5.66 20.41
CA GLY A 46 10.00 4.46 20.13
C GLY A 46 11.30 4.88 19.47
N MET A 47 11.93 3.94 18.75
CA MET A 47 13.18 4.25 18.08
C MET A 47 13.02 4.33 16.57
N CYS A 48 13.80 5.19 15.94
CA CYS A 48 13.76 5.36 14.49
C CYS A 48 15.17 5.22 13.91
N LEU A 49 15.40 4.14 13.18
CA LEU A 49 16.71 3.91 12.57
C LEU A 49 16.75 4.40 11.12
N ILE A 50 17.50 5.48 10.88
CA ILE A 50 17.69 6.00 9.53
C ILE A 50 19.02 5.51 8.89
N ILE A 51 18.91 4.72 7.82
CA ILE A 51 20.09 4.30 7.08
C ILE A 51 20.29 5.17 5.85
N ASN A 52 21.40 5.90 5.82
CA ASN A 52 21.63 6.89 4.78
C ASN A 52 22.88 6.58 3.95
N ASN A 53 22.66 6.11 2.73
CA ASN A 53 23.76 5.82 1.81
C ASN A 53 23.91 6.93 0.77
N GLU A 54 25.03 7.64 0.80
CA GLU A 54 25.27 8.76 -0.11
C GLU A 54 26.36 8.48 -1.15
N HIS A 55 27.42 7.78 -0.73
CA HIS A 55 28.55 7.51 -1.62
C HIS A 55 28.69 6.02 -1.94
N PHE A 56 28.83 5.69 -3.22
CA PHE A 56 28.95 4.30 -3.66
C PHE A 56 30.20 4.08 -4.52
N GLU A 57 30.69 2.85 -4.51
CA GLU A 57 31.86 2.49 -5.31
C GLU A 57 31.63 2.67 -6.81
N GLN A 58 30.66 1.96 -7.37
CA GLN A 58 30.42 1.98 -8.80
C GLN A 58 29.05 2.52 -9.18
N MET A 59 28.42 3.22 -8.25
CA MET A 59 27.14 3.86 -8.51
C MET A 59 27.20 5.34 -8.09
N PRO A 60 26.63 6.22 -8.93
CA PRO A 60 26.73 7.68 -8.74
C PRO A 60 26.45 8.12 -7.31
N THR A 61 26.99 9.28 -6.93
CA THR A 61 26.75 9.83 -5.61
C THR A 61 25.29 10.22 -5.48
N ARG A 62 24.72 10.00 -4.30
CA ARG A 62 23.32 10.31 -4.06
C ARG A 62 23.18 11.69 -3.44
N ASN A 63 23.46 12.72 -4.23
CA ASN A 63 23.34 14.10 -3.77
C ASN A 63 22.00 14.43 -3.14
N GLY A 64 22.02 15.35 -2.18
CA GLY A 64 20.81 15.83 -1.50
C GLY A 64 20.10 14.76 -0.65
N THR A 65 20.78 13.66 -0.40
CA THR A 65 20.29 12.63 0.52
C THR A 65 20.56 13.05 1.96
N LYS A 66 21.36 14.11 2.12
CA LYS A 66 21.65 14.66 3.43
C LYS A 66 20.49 15.53 3.91
N ALA A 67 19.93 16.31 2.97
CA ALA A 67 18.78 17.15 3.27
C ALA A 67 17.56 16.30 3.64
N ASP A 68 17.47 15.12 3.04
CA ASP A 68 16.40 14.20 3.38
C ASP A 68 16.61 13.71 4.79
N LYS A 69 17.80 13.16 5.03
CA LYS A 69 18.14 12.59 6.34
C LYS A 69 17.90 13.60 7.46
N ASP A 70 18.34 14.83 7.26
CA ASP A 70 18.18 15.87 8.26
C ASP A 70 16.71 16.20 8.50
N ASN A 71 15.98 16.48 7.43
CA ASN A 71 14.55 16.75 7.54
C ASN A 71 13.80 15.60 8.20
N LEU A 72 14.14 14.37 7.85
CA LEU A 72 13.46 13.21 8.42
C LEU A 72 13.81 13.08 9.89
N THR A 73 15.07 13.36 10.22
CA THR A 73 15.54 13.29 11.59
C THR A 73 14.76 14.28 12.42
N ASN A 74 14.60 15.49 11.89
CA ASN A 74 13.84 16.53 12.57
C ASN A 74 12.39 16.13 12.76
N LEU A 75 11.79 15.64 11.68
CA LEU A 75 10.39 15.24 11.69
C LEU A 75 10.11 14.17 12.74
N PHE A 76 10.96 13.16 12.80
CA PHE A 76 10.69 12.05 13.69
C PHE A 76 11.09 12.37 15.12
N ARG A 77 12.10 13.22 15.27
CA ARG A 77 12.43 13.72 16.60
C ARG A 77 11.30 14.61 17.09
N CYS A 78 10.80 15.47 16.21
CA CYS A 78 9.70 16.34 16.57
C CYS A 78 8.46 15.54 16.97
N MET A 79 8.32 14.35 16.40
CA MET A 79 7.18 13.49 16.71
C MET A 79 7.45 12.57 17.88
N GLY A 80 8.53 12.84 18.61
CA GLY A 80 8.83 12.13 19.84
C GLY A 80 9.60 10.83 19.68
N TYR A 81 10.44 10.75 18.66
CA TYR A 81 11.20 9.53 18.39
C TYR A 81 12.68 9.70 18.71
N THR A 82 13.34 8.60 19.03
CA THR A 82 14.78 8.56 19.18
C THR A 82 15.39 8.16 17.85
N VAL A 83 15.99 9.13 17.16
CA VAL A 83 16.58 8.87 15.86
C VAL A 83 18.04 8.42 15.97
N ILE A 84 18.38 7.40 15.19
CA ILE A 84 19.74 6.89 15.10
C ILE A 84 20.14 6.87 13.65
N CYS A 85 21.35 7.32 13.36
CA CYS A 85 21.78 7.42 11.98
C CYS A 85 22.96 6.51 11.70
N LYS A 86 22.96 5.90 10.52
CA LYS A 86 24.05 5.07 10.06
C LYS A 86 24.35 5.41 8.61
N ASP A 87 25.32 6.29 8.40
CA ASP A 87 25.70 6.70 7.05
C ASP A 87 26.47 5.60 6.33
N ASN A 88 26.23 5.49 5.03
CA ASN A 88 26.97 4.57 4.17
C ASN A 88 27.24 3.20 4.80
N LEU A 89 26.25 2.31 4.67
CA LEU A 89 26.40 0.95 5.13
C LEU A 89 26.53 -0.02 3.95
N THR A 90 27.35 -1.05 4.12
CA THR A 90 27.46 -2.09 3.11
C THR A 90 26.18 -2.91 3.09
N GLY A 91 26.04 -3.77 2.09
CA GLY A 91 24.90 -4.67 2.03
C GLY A 91 24.76 -5.48 3.30
N ARG A 92 25.84 -6.16 3.68
CA ARG A 92 25.86 -6.94 4.91
C ARG A 92 25.69 -6.03 6.12
N GLY A 93 26.06 -4.77 5.96
CA GLY A 93 25.92 -3.78 7.02
C GLY A 93 24.46 -3.48 7.33
N MET A 94 23.70 -3.19 6.28
CA MET A 94 22.30 -2.86 6.48
C MET A 94 21.56 -4.00 7.20
N LEU A 95 21.80 -5.23 6.77
CA LEU A 95 21.19 -6.40 7.39
C LEU A 95 21.49 -6.46 8.88
N LEU A 96 22.78 -6.37 9.22
CA LEU A 96 23.23 -6.48 10.59
C LEU A 96 22.72 -5.34 11.46
N THR A 97 22.77 -4.12 10.94
CA THR A 97 22.28 -2.97 11.67
C THR A 97 20.80 -3.15 11.96
N ILE A 98 20.07 -3.56 10.94
CA ILE A 98 18.63 -3.76 11.06
C ILE A 98 18.33 -4.88 12.05
N ARG A 99 19.05 -5.99 11.92
CA ARG A 99 18.87 -7.08 12.86
C ARG A 99 19.15 -6.63 14.30
N ASP A 100 20.17 -5.80 14.46
CA ASP A 100 20.51 -5.25 15.78
C ASP A 100 19.47 -4.27 16.25
N PHE A 101 18.94 -3.48 15.33
CA PHE A 101 17.90 -2.52 15.67
C PHE A 101 16.74 -3.27 16.31
N ALA A 102 16.37 -4.40 15.71
CA ALA A 102 15.30 -5.24 16.23
C ALA A 102 15.61 -5.77 17.63
N LYS A 103 16.86 -5.61 18.06
CA LYS A 103 17.31 -6.06 19.38
C LYS A 103 17.16 -5.00 20.47
N HIS A 104 17.49 -3.75 20.14
CA HIS A 104 17.31 -2.61 21.05
C HIS A 104 16.11 -2.77 21.95
N GLU A 105 16.24 -3.48 23.05
CA GLU A 105 15.09 -3.70 23.92
C GLU A 105 14.54 -2.38 24.48
N SER A 106 15.19 -1.29 24.11
CA SER A 106 14.72 0.05 24.45
C SER A 106 13.62 0.49 23.48
N HIS A 107 12.90 -0.48 22.94
CA HIS A 107 11.84 -0.17 22.00
C HIS A 107 10.58 0.31 22.70
N GLY A 108 10.00 1.38 22.14
CA GLY A 108 8.74 1.91 22.64
C GLY A 108 7.57 1.18 22.04
N ASP A 109 6.47 1.91 21.86
CA ASP A 109 5.26 1.35 21.29
C ASP A 109 5.33 1.13 19.77
N SER A 110 6.29 1.79 19.12
CA SER A 110 6.47 1.63 17.66
C SER A 110 7.92 1.78 17.21
N ALA A 111 8.23 1.17 16.05
CA ALA A 111 9.54 1.30 15.46
C ALA A 111 9.42 1.91 14.07
N ILE A 112 10.45 2.62 13.65
CA ILE A 112 10.48 3.24 12.34
C ILE A 112 11.84 2.97 11.70
N LEU A 113 11.83 2.41 10.50
CA LEU A 113 13.05 2.22 9.74
C LEU A 113 13.02 3.09 8.50
N VAL A 114 14.12 3.78 8.25
CA VAL A 114 14.21 4.61 7.06
C VAL A 114 15.47 4.22 6.30
N ILE A 115 15.29 3.74 5.07
CA ILE A 115 16.41 3.41 4.21
C ILE A 115 16.49 4.40 3.06
N LEU A 116 17.61 5.11 2.97
CA LEU A 116 17.85 6.07 1.90
C LEU A 116 19.03 5.56 1.09
N SER A 117 18.77 5.00 -0.08
CA SER A 117 19.85 4.35 -0.80
C SER A 117 19.52 4.10 -2.26
N HIS A 118 20.48 3.55 -2.97
CA HIS A 118 20.25 3.02 -4.32
C HIS A 118 19.56 1.67 -4.18
N GLY A 119 18.69 1.35 -5.15
CA GLY A 119 17.97 0.10 -5.11
C GLY A 119 17.35 -0.32 -6.43
N GLU A 120 16.89 -1.57 -6.47
CA GLU A 120 16.13 -2.10 -7.59
C GLU A 120 14.87 -2.74 -7.03
N GLU A 121 14.12 -3.45 -7.87
CA GLU A 121 12.90 -4.11 -7.41
C GLU A 121 13.22 -5.17 -6.37
N ASN A 122 12.65 -5.02 -5.19
CA ASN A 122 12.83 -5.98 -4.09
C ASN A 122 14.29 -6.03 -3.65
N VAL A 123 15.07 -5.05 -4.09
CA VAL A 123 16.49 -5.00 -3.76
C VAL A 123 16.91 -3.61 -3.28
N ILE A 124 17.70 -3.58 -2.21
CA ILE A 124 18.31 -2.35 -1.76
C ILE A 124 19.82 -2.48 -1.84
N ILE A 125 20.44 -1.64 -2.65
CA ILE A 125 21.86 -1.77 -2.91
C ILE A 125 22.71 -1.09 -1.85
N GLY A 126 23.69 -1.83 -1.33
CA GLY A 126 24.56 -1.33 -0.28
C GLY A 126 25.68 -0.45 -0.80
N VAL A 127 26.39 0.20 0.12
CA VAL A 127 27.48 1.10 -0.25
C VAL A 127 28.56 0.36 -1.03
N ASP A 128 28.71 -0.93 -0.75
CA ASP A 128 29.64 -1.79 -1.46
C ASP A 128 29.01 -2.31 -2.75
N ASP A 129 27.92 -1.66 -3.17
CA ASP A 129 27.21 -2.03 -4.39
C ASP A 129 26.62 -3.43 -4.34
N ILE A 130 26.63 -4.05 -3.17
CA ILE A 130 26.01 -5.36 -2.99
C ILE A 130 24.51 -5.20 -2.77
N PRO A 131 23.71 -5.98 -3.51
CA PRO A 131 22.25 -5.92 -3.45
C PRO A 131 21.70 -6.50 -2.16
N ILE A 132 20.53 -6.06 -1.73
CA ILE A 132 19.88 -6.62 -0.56
C ILE A 132 18.40 -6.84 -0.83
N SER A 133 17.93 -8.06 -0.58
CA SER A 133 16.51 -8.38 -0.73
C SER A 133 15.68 -7.65 0.33
N THR A 134 14.77 -6.79 -0.12
CA THR A 134 13.89 -6.08 0.80
C THR A 134 13.14 -7.09 1.66
N HIS A 135 12.77 -8.22 1.08
CA HIS A 135 12.04 -9.25 1.81
C HIS A 135 12.83 -9.76 3.01
N GLU A 136 14.14 -9.90 2.83
CA GLU A 136 15.00 -10.38 3.92
C GLU A 136 15.02 -9.38 5.06
N ILE A 137 14.92 -8.09 4.75
CA ILE A 137 14.94 -7.08 5.80
C ILE A 137 13.60 -7.02 6.54
N TYR A 138 12.54 -7.47 5.87
CA TYR A 138 11.23 -7.54 6.52
C TYR A 138 11.15 -8.77 7.43
N ASP A 139 11.92 -9.79 7.10
CA ASP A 139 11.99 -10.99 7.93
C ASP A 139 12.67 -10.71 9.25
N LEU A 140 13.57 -9.74 9.24
CA LEU A 140 14.29 -9.34 10.44
C LEU A 140 13.36 -8.63 11.41
N LEU A 141 12.26 -8.11 10.88
CA LEU A 141 11.30 -7.35 11.66
C LEU A 141 10.09 -8.17 12.13
N ASN A 142 9.83 -9.30 11.49
CA ASN A 142 8.68 -10.10 11.89
C ASN A 142 8.77 -10.53 13.35
N ALA A 143 7.64 -11.01 13.88
CA ALA A 143 7.54 -11.33 15.30
C ALA A 143 8.48 -12.47 15.70
N ALA A 144 8.87 -13.29 14.73
CA ALA A 144 9.80 -14.37 14.97
C ALA A 144 11.22 -13.86 15.26
N ASN A 145 11.70 -12.92 14.46
CA ASN A 145 13.07 -12.42 14.57
C ASN A 145 13.19 -11.16 15.44
N ALA A 146 12.05 -10.54 15.72
CA ALA A 146 12.01 -9.38 16.60
C ALA A 146 10.81 -9.51 17.53
N PRO A 147 10.93 -10.38 18.54
CA PRO A 147 9.90 -10.61 19.55
C PRO A 147 9.79 -9.38 20.43
N ARG A 148 10.88 -8.61 20.48
CA ARG A 148 10.89 -7.35 21.19
C ARG A 148 10.06 -6.31 20.45
N LEU A 149 9.61 -6.70 19.25
CA LEU A 149 8.77 -5.84 18.42
C LEU A 149 7.47 -6.54 17.98
N ALA A 150 7.30 -7.80 18.38
CA ALA A 150 6.07 -8.53 18.09
C ALA A 150 4.88 -7.74 18.62
N ASN A 151 3.79 -7.71 17.86
CA ASN A 151 2.59 -7.00 18.29
C ASN A 151 2.68 -5.48 18.23
N LYS A 152 3.88 -4.98 17.96
CA LYS A 152 4.10 -3.53 17.84
C LYS A 152 4.23 -3.11 16.36
N PRO A 153 3.63 -1.97 16.01
CA PRO A 153 3.65 -1.47 14.63
C PRO A 153 5.05 -1.06 14.19
N LYS A 154 5.43 -1.46 12.98
CA LYS A 154 6.74 -1.11 12.46
C LYS A 154 6.55 -0.42 11.12
N ILE A 155 7.05 0.81 11.00
CA ILE A 155 6.90 1.54 9.75
C ILE A 155 8.24 1.66 9.07
N VAL A 156 8.32 1.20 7.83
CA VAL A 156 9.56 1.31 7.07
C VAL A 156 9.44 2.28 5.90
N PHE A 157 10.32 3.27 5.84
CA PHE A 157 10.37 4.20 4.71
C PHE A 157 11.55 3.86 3.79
N VAL A 158 11.23 3.54 2.54
CA VAL A 158 12.28 3.22 1.57
C VAL A 158 12.39 4.30 0.50
N GLN A 159 13.45 5.09 0.58
CA GLN A 159 13.77 6.08 -0.44
C GLN A 159 14.83 5.52 -1.39
N ALA A 160 14.37 4.83 -2.42
CA ALA A 160 15.27 4.18 -3.38
C ALA A 160 14.49 3.89 -4.65
N SER A 161 15.19 3.77 -5.78
CA SER A 161 14.53 3.31 -6.99
C SER A 161 14.10 1.86 -6.82
N ARG A 162 13.38 1.34 -7.79
CA ARG A 162 12.94 -0.06 -7.74
C ARG A 162 12.95 -0.65 -9.13
N GLY A 163 13.65 0.02 -10.03
CA GLY A 163 13.72 -0.36 -11.43
C GLY A 163 14.19 0.81 -12.26
N GLU A 164 14.17 0.67 -13.58
CA GLU A 164 14.57 1.77 -14.46
C GLU A 164 13.46 2.17 -15.44
N ARG A 165 12.21 1.98 -15.02
CA ARG A 165 11.06 2.43 -15.80
C ARG A 165 10.72 3.88 -15.44
N ARG A 166 10.29 4.65 -16.43
CA ARG A 166 10.00 6.05 -16.21
C ARG A 166 8.53 6.36 -16.46
N ASP A 167 7.81 6.66 -15.39
CA ASP A 167 6.39 6.98 -15.48
C ASP A 167 6.18 8.28 -16.27
N ASN A 168 5.59 8.16 -17.45
CA ASN A 168 5.38 9.32 -18.32
C ASN A 168 4.12 10.10 -17.97
N GLY A 169 3.25 9.47 -17.18
CA GLY A 169 2.03 10.12 -16.72
C GLY A 169 0.92 10.22 -17.74
N PHE A 170 -0.21 10.78 -17.31
CA PHE A 170 -1.34 11.03 -18.20
C PHE A 170 -2.02 12.36 -17.85
N PRO A 171 -2.76 12.94 -18.81
CA PRO A 171 -3.34 14.28 -18.70
C PRO A 171 -4.50 14.38 -17.71
N VAL A 172 -4.56 15.46 -16.95
CA VAL A 172 -5.64 15.68 -16.00
C VAL A 172 -6.20 17.09 -16.13
N ARG A 210 -4.58 -16.60 20.77
CA ARG A 210 -4.57 -16.16 19.38
C ARG A 210 -3.25 -16.50 18.70
N LYS A 211 -3.15 -16.13 17.42
CA LYS A 211 -1.91 -16.26 16.67
C LYS A 211 -1.91 -15.30 15.48
N LYS A 212 -0.95 -14.39 15.46
CA LYS A 212 -0.77 -13.51 14.31
C LYS A 212 0.15 -14.17 13.29
N PRO A 213 -0.20 -14.10 12.00
CA PRO A 213 0.76 -14.50 10.97
C PRO A 213 2.04 -13.67 11.10
N SER A 214 3.18 -14.28 10.80
CA SER A 214 4.48 -13.68 11.10
C SER A 214 4.71 -12.26 10.54
N GLN A 215 4.16 -12.00 9.35
CA GLN A 215 4.45 -10.76 8.65
C GLN A 215 3.63 -9.57 9.15
N ALA A 216 2.86 -9.79 10.21
CA ALA A 216 1.92 -8.80 10.74
C ALA A 216 2.55 -7.51 11.26
N ASP A 217 1.76 -6.44 11.22
CA ASP A 217 2.11 -5.19 11.87
C ASP A 217 3.25 -4.44 11.20
N ILE A 218 3.42 -4.64 9.89
CA ILE A 218 4.46 -3.94 9.16
C ILE A 218 3.89 -3.22 7.95
N LEU A 219 4.28 -1.96 7.80
CA LEU A 219 3.89 -1.19 6.62
C LEU A 219 5.14 -0.61 5.95
N ILE A 220 5.33 -0.89 4.68
CA ILE A 220 6.43 -0.26 3.97
C ILE A 220 5.93 0.91 3.12
N ALA A 221 6.48 2.08 3.37
CA ALA A 221 6.21 3.26 2.55
C ALA A 221 7.32 3.44 1.52
N TYR A 222 7.01 3.10 0.27
CA TYR A 222 7.97 3.24 -0.82
C TYR A 222 7.81 4.58 -1.50
N ALA A 223 8.92 5.14 -1.97
CA ALA A 223 8.86 6.39 -2.73
C ALA A 223 8.27 6.18 -4.13
N THR A 224 8.37 4.95 -4.63
CA THR A 224 7.95 4.65 -6.00
C THR A 224 7.37 3.24 -6.13
N THR A 225 6.64 3.02 -7.21
CA THR A 225 6.04 1.73 -7.49
C THR A 225 7.15 0.76 -7.90
N ALA A 226 6.85 -0.54 -7.83
CA ALA A 226 7.79 -1.57 -8.23
C ALA A 226 8.27 -1.36 -9.67
N GLN A 227 9.52 -1.73 -9.90
CA GLN A 227 10.20 -1.61 -11.20
C GLN A 227 10.33 -0.18 -11.76
N TYR A 228 9.91 0.81 -10.98
CA TYR A 228 10.03 2.20 -11.41
C TYR A 228 11.14 2.95 -10.66
N VAL A 229 11.60 4.06 -11.25
CA VAL A 229 12.69 4.84 -10.66
C VAL A 229 12.18 5.79 -9.58
N SER A 230 13.06 6.18 -8.68
CA SER A 230 12.73 7.13 -7.63
C SER A 230 13.58 8.38 -7.79
N TRP A 231 12.91 9.52 -7.94
CA TRP A 231 13.62 10.76 -8.25
C TRP A 231 14.13 11.53 -7.04
N ARG A 232 15.31 12.11 -7.18
CA ARG A 232 15.83 13.08 -6.23
C ARG A 232 16.32 14.28 -7.01
N ASN A 233 16.67 15.35 -6.30
CA ASN A 233 17.23 16.53 -6.92
C ASN A 233 18.34 17.13 -6.08
N SER A 234 19.56 17.10 -6.61
CA SER A 234 20.72 17.66 -5.93
C SER A 234 20.32 18.94 -5.21
N ALA A 235 19.55 19.77 -5.89
CA ALA A 235 19.08 21.05 -5.34
C ALA A 235 18.14 20.84 -4.16
N ARG A 236 16.94 20.34 -4.41
CA ARG A 236 15.92 20.26 -3.38
C ARG A 236 15.99 19.05 -2.45
N GLY A 237 16.14 17.86 -3.02
CA GLY A 237 16.05 16.63 -2.25
C GLY A 237 14.97 15.71 -2.79
N SER A 238 14.61 14.69 -2.02
CA SER A 238 13.64 13.69 -2.47
C SER A 238 12.20 14.19 -2.51
N TRP A 239 11.63 14.18 -3.71
CA TRP A 239 10.20 14.43 -3.92
C TRP A 239 9.38 13.85 -2.78
N PHE A 240 9.60 12.55 -2.56
CA PHE A 240 8.87 11.77 -1.57
C PHE A 240 9.17 12.20 -0.13
N ILE A 241 10.44 12.45 0.19
CA ILE A 241 10.82 12.84 1.54
C ILE A 241 10.25 14.20 1.94
N GLN A 242 10.25 15.15 1.00
CA GLN A 242 9.69 16.47 1.27
C GLN A 242 8.18 16.37 1.50
N ALA A 243 7.53 15.55 0.68
CA ALA A 243 6.11 15.34 0.81
C ALA A 243 5.80 14.76 2.19
N VAL A 244 6.51 13.69 2.55
CA VAL A 244 6.39 13.09 3.87
C VAL A 244 6.50 14.13 4.98
N CYS A 245 7.48 15.02 4.86
CA CYS A 245 7.67 16.08 5.84
C CYS A 245 6.52 17.08 5.86
N GLU A 246 6.10 17.57 4.70
CA GLU A 246 4.99 18.50 4.63
C GLU A 246 3.76 17.90 5.28
N VAL A 247 3.25 16.83 4.67
CA VAL A 247 2.02 16.18 5.11
C VAL A 247 2.06 15.77 6.58
N PHE A 248 3.11 15.05 6.96
CA PHE A 248 3.21 14.59 8.33
C PHE A 248 3.13 15.76 9.29
N SER A 249 3.90 16.81 9.00
CA SER A 249 3.89 18.04 9.79
C SER A 249 2.48 18.47 10.12
N THR A 250 1.64 18.43 9.09
CA THR A 250 0.33 19.05 9.15
C THR A 250 -0.75 18.11 9.65
N HIS A 251 -0.60 16.81 9.40
CA HIS A 251 -1.70 15.89 9.64
C HIS A 251 -1.40 14.67 10.50
N ALA A 252 -0.18 14.59 11.03
CA ALA A 252 0.20 13.46 11.87
C ALA A 252 -0.71 13.39 13.09
N LYS A 253 -1.03 14.56 13.64
CA LYS A 253 -1.89 14.65 14.81
C LYS A 253 -3.27 14.00 14.63
N ASP A 254 -3.87 14.15 13.45
CA ASP A 254 -5.23 13.66 13.24
C ASP A 254 -5.42 12.65 12.10
N MET A 255 -4.34 12.25 11.45
CA MET A 255 -4.42 11.23 10.42
C MET A 255 -3.53 10.03 10.73
N ASP A 256 -4.05 8.83 10.57
CA ASP A 256 -3.22 7.65 10.72
C ASP A 256 -2.28 7.50 9.51
N VAL A 257 -1.20 6.74 9.66
CA VAL A 257 -0.16 6.69 8.63
C VAL A 257 -0.69 6.45 7.22
N VAL A 258 -1.66 5.56 7.08
CA VAL A 258 -2.17 5.22 5.77
C VAL A 258 -2.84 6.41 5.08
N GLU A 259 -3.59 7.20 5.84
CA GLU A 259 -4.18 8.41 5.29
C GLU A 259 -3.08 9.42 4.93
N LEU A 260 -2.10 9.60 5.81
CA LEU A 260 -1.00 10.51 5.55
C LEU A 260 -0.30 10.12 4.24
N LEU A 261 -0.01 8.83 4.10
CA LEU A 261 0.72 8.36 2.95
C LEU A 261 -0.15 8.46 1.70
N THR A 262 -1.45 8.51 1.90
CA THR A 262 -2.35 8.68 0.77
C THR A 262 -2.28 10.12 0.29
N GLU A 263 -2.11 11.03 1.23
CA GLU A 263 -1.90 12.44 0.93
C GLU A 263 -0.55 12.65 0.29
N VAL A 264 0.46 12.01 0.87
CA VAL A 264 1.80 11.99 0.31
C VAL A 264 1.78 11.51 -1.14
N ASN A 265 1.06 10.40 -1.38
CA ASN A 265 0.85 9.89 -2.73
C ASN A 265 0.29 10.95 -3.65
N LYS A 266 -0.73 11.65 -3.16
CA LYS A 266 -1.41 12.68 -3.89
C LYS A 266 -0.49 13.89 -4.16
N LYS A 267 0.36 14.23 -3.20
CA LYS A 267 1.25 15.38 -3.33
C LYS A 267 2.31 15.20 -4.41
N VAL A 268 2.97 14.04 -4.40
CA VAL A 268 4.02 13.74 -5.38
C VAL A 268 3.43 13.47 -6.77
N ALA A 269 2.30 12.78 -6.81
CA ALA A 269 1.68 12.42 -8.07
C ALA A 269 1.18 13.67 -8.78
N CYS A 270 0.54 14.54 -8.02
CA CYS A 270 -0.08 15.73 -8.59
C CYS A 270 0.87 16.91 -8.62
N GLY A 271 1.71 17.00 -7.60
CA GLY A 271 2.62 18.12 -7.45
C GLY A 271 3.94 18.03 -8.21
N PHE A 272 4.66 16.94 -8.03
CA PHE A 272 6.01 16.82 -8.59
C PHE A 272 6.04 16.43 -10.06
N GLN A 273 6.98 17.04 -10.78
CA GLN A 273 7.25 16.73 -12.18
C GLN A 273 8.70 17.06 -12.52
N THR A 274 9.26 16.29 -13.44
CA THR A 274 10.59 16.57 -13.96
C THR A 274 10.60 16.25 -15.46
N SER A 275 11.78 16.29 -16.08
CA SER A 275 11.86 16.04 -17.52
C SER A 275 13.28 15.86 -18.03
N GLN A 276 13.37 15.33 -19.25
CA GLN A 276 14.59 15.41 -20.04
C GLN A 276 14.29 14.95 -21.46
N GLY A 277 14.61 15.81 -22.42
CA GLY A 277 14.35 15.56 -23.83
C GLY A 277 13.88 14.17 -24.22
N SER A 278 12.59 13.92 -24.04
CA SER A 278 11.99 12.63 -24.37
C SER A 278 10.58 12.58 -23.79
N ASN A 279 10.40 13.25 -22.65
CA ASN A 279 9.13 13.26 -21.94
C ASN A 279 9.17 14.03 -20.62
N ILE A 280 7.99 14.34 -20.10
CA ILE A 280 7.85 14.84 -18.74
C ILE A 280 7.56 13.64 -17.84
N LEU A 281 8.35 13.50 -16.78
CA LEU A 281 8.28 12.32 -15.93
C LEU A 281 7.49 12.54 -14.64
N LYS A 282 6.80 11.49 -14.23
CA LYS A 282 6.00 11.51 -13.02
C LYS A 282 6.53 10.46 -12.05
N GLN A 283 6.09 10.50 -10.82
CA GLN A 283 6.45 9.50 -9.82
C GLN A 283 5.24 9.08 -8.99
N MET A 284 5.10 7.78 -8.76
CA MET A 284 3.97 7.24 -8.03
C MET A 284 4.44 6.41 -6.84
N PRO A 285 4.45 7.01 -5.64
CA PRO A 285 4.83 6.32 -4.40
C PRO A 285 3.78 5.30 -4.04
N GLU A 286 4.16 4.35 -3.20
CA GLU A 286 3.31 3.20 -2.97
C GLU A 286 3.49 2.67 -1.55
N MET A 287 2.38 2.40 -0.88
CA MET A 287 2.44 1.87 0.48
C MET A 287 1.97 0.42 0.49
N THR A 288 2.78 -0.44 1.09
CA THR A 288 2.38 -1.83 1.27
C THR A 288 2.12 -2.06 2.75
N SER A 289 0.92 -2.49 3.08
CA SER A 289 0.49 -2.54 4.46
C SER A 289 0.11 -3.94 4.88
N ARG A 290 0.65 -4.35 6.03
CA ARG A 290 0.24 -5.59 6.65
C ARG A 290 -0.28 -5.30 8.06
N LEU A 291 -0.82 -4.09 8.23
CA LEU A 291 -1.32 -3.66 9.55
C LEU A 291 -2.69 -4.24 9.82
N LEU A 292 -3.01 -4.35 11.12
CA LEU A 292 -4.29 -4.91 11.56
C LEU A 292 -5.15 -3.82 12.17
N LYS A 293 -4.55 -2.65 12.41
CA LYS A 293 -5.22 -1.54 13.07
C LYS A 293 -4.75 -0.21 12.50
N LYS A 294 -5.47 0.86 12.84
CA LYS A 294 -5.04 2.21 12.47
C LYS A 294 -3.87 2.67 13.34
N PHE A 295 -2.89 3.31 12.70
CA PHE A 295 -1.70 3.73 13.40
C PHE A 295 -1.47 5.24 13.31
N TYR A 296 -1.67 5.91 14.43
CA TYR A 296 -1.40 7.33 14.54
C TYR A 296 -0.09 7.56 15.28
N PHE A 297 0.65 8.59 14.86
CA PHE A 297 1.87 8.98 15.55
C PHE A 297 1.54 9.67 16.86
N TRP A 298 0.43 10.39 16.87
CA TRP A 298 0.02 11.22 18.00
C TRP A 298 1.15 12.09 18.54
N PRO A 299 1.68 13.00 17.70
CA PRO A 299 2.78 13.89 18.08
C PRO A 299 2.33 14.81 19.22
N GLU A 300 3.04 14.74 20.34
CA GLU A 300 2.68 15.53 21.51
C GLU A 300 3.74 16.58 21.80
N ALA A 301 4.04 16.79 23.07
CA ALA A 301 5.03 17.78 23.49
C ALA A 301 6.37 17.11 23.81
N ARG A 302 6.86 16.31 22.86
CA ARG A 302 8.08 15.52 23.09
C ARG A 302 9.10 15.68 21.97
N ASN A 303 9.14 16.88 21.38
CA ASN A 303 10.05 17.13 20.26
C ASN A 303 11.49 17.46 20.68
N THR B 11 -21.83 -24.56 9.50
CA THR B 11 -20.87 -23.45 9.47
C THR B 11 -20.02 -23.52 8.20
N GLN B 12 -20.58 -23.04 7.10
CA GLN B 12 -19.90 -23.06 5.80
C GLN B 12 -20.21 -21.77 5.05
N TYR B 13 -19.57 -20.68 5.48
CA TYR B 13 -19.93 -19.33 5.02
C TYR B 13 -20.32 -19.16 3.55
N ILE B 14 -21.39 -18.38 3.35
CA ILE B 14 -21.90 -18.03 2.03
C ILE B 14 -22.52 -16.65 2.13
N PHE B 15 -22.17 -15.75 1.21
CA PHE B 15 -22.68 -14.40 1.26
C PHE B 15 -24.10 -14.28 0.71
N HIS B 16 -24.94 -13.51 1.40
CA HIS B 16 -26.32 -13.31 0.98
C HIS B 16 -26.61 -11.82 0.79
N GLU B 17 -27.46 -11.52 -0.17
CA GLU B 17 -27.82 -10.15 -0.50
C GLU B 17 -28.30 -9.40 0.72
N GLU B 18 -28.85 -10.13 1.68
CA GLU B 18 -29.38 -9.54 2.90
C GLU B 18 -28.29 -8.95 3.79
N ASP B 19 -27.14 -9.62 3.82
CA ASP B 19 -26.03 -9.26 4.70
C ASP B 19 -25.52 -7.85 4.44
N MET B 20 -25.95 -7.26 3.33
CA MET B 20 -25.43 -5.97 2.90
C MET B 20 -26.05 -4.77 3.61
N ASN B 21 -25.20 -3.84 4.02
CA ASN B 21 -25.64 -2.55 4.53
C ASN B 21 -25.41 -1.48 3.47
N PHE B 22 -26.47 -0.75 3.14
CA PHE B 22 -26.41 0.20 2.04
C PHE B 22 -26.36 1.64 2.47
N VAL B 23 -25.89 2.51 1.57
CA VAL B 23 -25.97 3.95 1.75
C VAL B 23 -27.11 4.50 0.91
N ASP B 24 -27.52 5.72 1.22
CA ASP B 24 -28.57 6.39 0.47
C ASP B 24 -27.98 7.59 -0.22
N ALA B 25 -28.63 8.03 -1.29
CA ALA B 25 -28.14 9.18 -2.05
C ALA B 25 -27.79 10.36 -1.15
N PRO B 26 -28.67 10.73 -0.21
CA PRO B 26 -28.39 11.88 0.65
C PRO B 26 -27.01 11.80 1.30
N THR B 27 -26.74 10.72 2.02
CA THR B 27 -25.46 10.57 2.70
C THR B 27 -24.29 10.80 1.75
N ILE B 28 -24.37 10.22 0.56
CA ILE B 28 -23.33 10.37 -0.44
C ILE B 28 -23.22 11.82 -0.91
N SER B 29 -24.37 12.47 -1.11
CA SER B 29 -24.38 13.88 -1.42
C SER B 29 -23.60 14.62 -0.35
N ARG B 30 -23.97 14.38 0.90
CA ARG B 30 -23.41 15.08 2.06
C ARG B 30 -21.96 14.71 2.36
N VAL B 31 -21.66 13.43 2.26
CA VAL B 31 -20.33 12.93 2.61
C VAL B 31 -19.25 13.30 1.59
N PHE B 32 -19.61 13.26 0.31
CA PHE B 32 -18.59 13.35 -0.74
C PHE B 32 -17.75 14.63 -0.75
N ASP B 33 -16.47 14.47 -1.06
CA ASP B 33 -15.56 15.59 -1.23
C ASP B 33 -14.51 15.26 -2.29
N GLU B 34 -14.65 15.87 -3.46
CA GLU B 34 -13.79 15.59 -4.61
C GLU B 34 -12.30 15.59 -4.24
N LYS B 35 -11.91 16.53 -3.39
CA LYS B 35 -10.50 16.73 -3.07
C LYS B 35 -9.93 15.59 -2.22
N THR B 36 -10.78 14.96 -1.41
CA THR B 36 -10.30 13.95 -0.48
C THR B 36 -10.69 12.52 -0.85
N MET B 37 -11.66 12.38 -1.75
CA MET B 37 -12.15 11.05 -2.11
C MET B 37 -12.50 10.91 -3.59
N TYR B 38 -12.36 9.70 -4.12
CA TYR B 38 -12.67 9.44 -5.52
C TYR B 38 -14.17 9.50 -5.74
N ARG B 39 -14.55 9.87 -6.95
CA ARG B 39 -15.94 9.77 -7.39
C ARG B 39 -16.31 8.32 -7.66
N ASN B 40 -17.43 7.89 -7.10
CA ASN B 40 -17.91 6.54 -7.35
C ASN B 40 -19.44 6.45 -7.40
N PHE B 41 -20.03 7.03 -8.45
CA PHE B 41 -21.49 7.20 -8.52
C PHE B 41 -22.14 6.72 -9.80
N SER B 42 -21.40 5.98 -10.62
CA SER B 42 -21.97 5.41 -11.84
C SER B 42 -23.15 4.51 -11.49
N SER B 43 -24.22 4.58 -12.27
CA SER B 43 -25.42 3.77 -12.05
C SER B 43 -25.04 2.32 -11.81
N PRO B 44 -24.43 1.67 -12.80
CA PRO B 44 -23.58 0.56 -12.39
C PRO B 44 -22.26 1.17 -11.95
N ARG B 45 -21.83 0.95 -10.71
CA ARG B 45 -20.58 1.52 -10.22
C ARG B 45 -19.47 1.38 -11.25
N GLY B 46 -19.32 0.17 -11.77
CA GLY B 46 -18.32 -0.11 -12.79
C GLY B 46 -18.39 -1.59 -13.15
N MET B 47 -17.33 -2.11 -13.75
CA MET B 47 -17.29 -3.52 -14.12
C MET B 47 -16.27 -4.28 -13.30
N CYS B 48 -16.55 -5.56 -13.07
CA CYS B 48 -15.74 -6.39 -12.18
C CYS B 48 -15.39 -7.71 -12.84
N LEU B 49 -14.11 -7.86 -13.21
CA LEU B 49 -13.63 -9.11 -13.77
C LEU B 49 -13.14 -10.06 -12.69
N ILE B 50 -13.69 -11.27 -12.67
CA ILE B 50 -13.25 -12.31 -11.74
C ILE B 50 -12.64 -13.50 -12.49
N ILE B 51 -11.33 -13.67 -12.35
CA ILE B 51 -10.63 -14.80 -12.97
C ILE B 51 -10.40 -15.92 -11.97
N ASN B 52 -11.09 -17.04 -12.17
CA ASN B 52 -11.01 -18.16 -11.25
C ASN B 52 -10.39 -19.42 -11.84
N ASN B 53 -9.17 -19.73 -11.42
CA ASN B 53 -8.48 -20.93 -11.86
C ASN B 53 -8.54 -22.04 -10.81
N GLU B 54 -9.22 -23.13 -11.14
CA GLU B 54 -9.43 -24.23 -10.21
C GLU B 54 -8.60 -25.46 -10.54
N HIS B 55 -8.52 -25.79 -11.84
CA HIS B 55 -7.85 -27.01 -12.28
C HIS B 55 -6.59 -26.71 -13.07
N PHE B 56 -5.49 -27.37 -12.72
CA PHE B 56 -4.20 -27.14 -13.39
C PHE B 56 -3.64 -28.43 -13.97
N GLU B 57 -2.74 -28.30 -14.94
CA GLU B 57 -2.18 -29.46 -15.63
C GLU B 57 -1.27 -30.31 -14.74
N GLN B 58 -0.38 -29.64 -14.01
CA GLN B 58 0.56 -30.35 -13.14
C GLN B 58 0.58 -29.79 -11.72
N MET B 59 -0.39 -28.92 -11.43
CA MET B 59 -0.58 -28.41 -10.08
C MET B 59 -1.96 -28.79 -9.58
N PRO B 60 -2.04 -29.25 -8.32
CA PRO B 60 -3.27 -29.73 -7.68
C PRO B 60 -4.48 -28.80 -7.84
N THR B 61 -5.67 -29.37 -7.81
CA THR B 61 -6.91 -28.61 -7.90
C THR B 61 -7.01 -27.62 -6.73
N ARG B 62 -7.76 -26.54 -6.94
CA ARG B 62 -7.98 -25.56 -5.87
C ARG B 62 -9.41 -25.64 -5.35
N ASN B 63 -9.73 -26.74 -4.67
CA ASN B 63 -11.07 -26.97 -4.15
C ASN B 63 -11.66 -25.75 -3.45
N GLY B 64 -12.98 -25.66 -3.46
CA GLY B 64 -13.72 -24.58 -2.80
C GLY B 64 -13.41 -23.19 -3.35
N THR B 65 -12.62 -23.13 -4.41
CA THR B 65 -12.35 -21.86 -5.07
C THR B 65 -13.62 -21.40 -5.78
N LYS B 66 -14.57 -22.31 -5.89
CA LYS B 66 -15.87 -22.02 -6.49
C LYS B 66 -16.76 -21.24 -5.52
N ALA B 67 -16.65 -21.57 -4.24
CA ALA B 67 -17.43 -20.90 -3.20
C ALA B 67 -16.99 -19.45 -3.09
N ASP B 68 -15.70 -19.23 -3.28
CA ASP B 68 -15.14 -17.89 -3.22
C ASP B 68 -15.65 -17.07 -4.39
N LYS B 69 -15.49 -17.62 -5.59
CA LYS B 69 -15.93 -16.94 -6.80
C LYS B 69 -17.37 -16.46 -6.68
N ASP B 70 -18.25 -17.35 -6.21
CA ASP B 70 -19.66 -17.02 -6.05
C ASP B 70 -19.89 -15.94 -5.01
N ASN B 71 -19.28 -16.12 -3.85
CA ASN B 71 -19.41 -15.14 -2.78
C ASN B 71 -18.97 -13.76 -3.22
N LEU B 72 -17.85 -13.69 -3.93
CA LEU B 72 -17.33 -12.44 -4.43
C LEU B 72 -18.22 -11.86 -5.53
N THR B 73 -18.67 -12.73 -6.42
CA THR B 73 -19.57 -12.35 -7.49
C THR B 73 -20.83 -11.74 -6.92
N ASN B 74 -21.40 -12.40 -5.92
CA ASN B 74 -22.56 -11.86 -5.22
C ASN B 74 -22.23 -10.52 -4.60
N LEU B 75 -21.12 -10.48 -3.86
CA LEU B 75 -20.73 -9.30 -3.13
C LEU B 75 -20.63 -8.07 -4.04
N PHE B 76 -19.92 -8.22 -5.14
CA PHE B 76 -19.65 -7.08 -6.02
C PHE B 76 -20.86 -6.71 -6.88
N ARG B 77 -21.78 -7.65 -7.05
CA ARG B 77 -23.04 -7.33 -7.71
C ARG B 77 -23.93 -6.58 -6.72
N CYS B 78 -23.94 -7.06 -5.49
CA CYS B 78 -24.71 -6.44 -4.43
C CYS B 78 -24.28 -4.99 -4.27
N MET B 79 -23.01 -4.73 -4.54
CA MET B 79 -22.45 -3.39 -4.37
C MET B 79 -22.56 -2.54 -5.62
N GLY B 80 -23.24 -3.07 -6.63
CA GLY B 80 -23.55 -2.32 -7.83
C GLY B 80 -22.58 -2.50 -8.98
N TYR B 81 -21.89 -3.63 -9.03
CA TYR B 81 -20.94 -3.89 -10.11
C TYR B 81 -21.41 -4.95 -11.10
N THR B 82 -21.05 -4.79 -12.37
CA THR B 82 -21.32 -5.83 -13.36
C THR B 82 -20.19 -6.83 -13.35
N VAL B 83 -20.45 -8.03 -12.85
CA VAL B 83 -19.41 -9.03 -12.72
C VAL B 83 -19.28 -9.91 -13.97
N ILE B 84 -18.04 -10.17 -14.37
CA ILE B 84 -17.79 -11.10 -15.47
C ILE B 84 -16.84 -12.17 -15.00
N CYS B 85 -17.18 -13.43 -15.24
CA CYS B 85 -16.35 -14.53 -14.80
C CYS B 85 -15.56 -15.12 -15.95
N LYS B 86 -14.40 -15.68 -15.65
CA LYS B 86 -13.57 -16.36 -16.64
C LYS B 86 -12.79 -17.48 -15.98
N ASP B 87 -13.45 -18.63 -15.83
CA ASP B 87 -12.84 -19.77 -15.18
C ASP B 87 -11.69 -20.38 -15.99
N ASN B 88 -10.66 -20.81 -15.28
CA ASN B 88 -9.56 -21.58 -15.89
C ASN B 88 -8.99 -20.97 -17.16
N LEU B 89 -8.15 -19.94 -17.00
CA LEU B 89 -7.48 -19.34 -18.14
C LEU B 89 -6.00 -19.68 -18.13
N THR B 90 -5.43 -19.87 -19.31
CA THR B 90 -4.00 -20.11 -19.43
C THR B 90 -3.23 -18.86 -19.00
N GLY B 91 -1.92 -18.93 -19.04
CA GLY B 91 -1.11 -17.76 -18.78
C GLY B 91 -1.54 -16.66 -19.72
N ARG B 92 -1.31 -16.87 -21.01
CA ARG B 92 -1.63 -15.88 -22.02
C ARG B 92 -3.11 -15.53 -21.97
N GLY B 93 -3.93 -16.49 -21.56
CA GLY B 93 -5.36 -16.29 -21.44
C GLY B 93 -5.69 -15.11 -20.56
N MET B 94 -5.11 -15.09 -19.36
CA MET B 94 -5.38 -14.02 -18.39
C MET B 94 -5.02 -12.65 -18.97
N LEU B 95 -3.79 -12.51 -19.44
CA LEU B 95 -3.34 -11.26 -20.04
C LEU B 95 -4.39 -10.71 -21.01
N LEU B 96 -4.81 -11.53 -21.95
CA LEU B 96 -5.75 -11.11 -22.99
C LEU B 96 -7.12 -10.76 -22.42
N THR B 97 -7.62 -11.59 -21.51
CA THR B 97 -8.88 -11.33 -20.84
C THR B 97 -8.80 -9.99 -20.11
N ILE B 98 -7.72 -9.79 -19.36
CA ILE B 98 -7.51 -8.57 -18.61
C ILE B 98 -7.33 -7.37 -19.54
N ARG B 99 -6.61 -7.57 -20.64
CA ARG B 99 -6.38 -6.52 -21.62
C ARG B 99 -7.70 -6.13 -22.28
N ASP B 100 -8.58 -7.11 -22.43
CA ASP B 100 -9.88 -6.87 -23.03
C ASP B 100 -10.81 -6.24 -22.03
N PHE B 101 -10.61 -6.56 -20.76
CA PHE B 101 -11.37 -5.95 -19.68
C PHE B 101 -11.07 -4.45 -19.62
N ALA B 102 -9.80 -4.11 -19.81
CA ALA B 102 -9.37 -2.71 -19.87
C ALA B 102 -9.98 -1.98 -21.08
N LYS B 103 -10.30 -2.75 -22.13
CA LYS B 103 -10.88 -2.23 -23.36
C LYS B 103 -12.40 -1.98 -23.29
N HIS B 104 -13.07 -2.67 -22.37
CA HIS B 104 -14.53 -2.63 -22.25
C HIS B 104 -15.20 -1.30 -22.58
N GLU B 105 -14.59 -0.19 -22.18
CA GLU B 105 -15.18 1.14 -22.37
C GLU B 105 -16.49 1.30 -21.60
N SER B 106 -17.15 0.19 -21.31
CA SER B 106 -18.37 0.22 -20.53
C SER B 106 -18.01 0.41 -19.06
N HIS B 107 -16.93 1.15 -18.83
CA HIS B 107 -16.41 1.31 -17.47
C HIS B 107 -17.08 2.43 -16.69
N GLY B 108 -17.37 2.16 -15.43
CA GLY B 108 -17.96 3.14 -14.54
C GLY B 108 -16.92 4.02 -13.88
N ASP B 109 -17.27 4.55 -12.71
CA ASP B 109 -16.34 5.38 -11.94
C ASP B 109 -15.18 4.57 -11.39
N SER B 110 -15.35 3.26 -11.30
CA SER B 110 -14.29 2.42 -10.76
C SER B 110 -14.35 1.03 -11.37
N ALA B 111 -13.25 0.29 -11.27
CA ALA B 111 -13.21 -1.06 -11.77
C ALA B 111 -12.69 -2.02 -10.71
N ILE B 112 -13.05 -3.29 -10.84
CA ILE B 112 -12.57 -4.31 -9.91
C ILE B 112 -12.05 -5.54 -10.63
N LEU B 113 -10.82 -5.94 -10.32
CA LEU B 113 -10.24 -7.17 -10.85
C LEU B 113 -10.04 -8.17 -9.72
N VAL B 114 -10.43 -9.41 -9.95
CA VAL B 114 -10.18 -10.47 -8.99
C VAL B 114 -9.52 -11.65 -9.67
N ILE B 115 -8.37 -12.07 -9.16
CA ILE B 115 -7.72 -13.26 -9.65
C ILE B 115 -7.59 -14.31 -8.55
N LEU B 116 -8.25 -15.44 -8.74
CA LEU B 116 -8.14 -16.55 -7.80
C LEU B 116 -7.38 -17.67 -8.50
N SER B 117 -6.12 -17.88 -8.15
CA SER B 117 -5.32 -18.88 -8.83
C SER B 117 -4.11 -19.32 -7.99
N HIS B 118 -3.32 -20.24 -8.56
CA HIS B 118 -2.04 -20.63 -7.98
C HIS B 118 -1.01 -19.54 -8.24
N GLY B 119 0.12 -19.63 -7.54
CA GLY B 119 1.19 -18.66 -7.71
C GLY B 119 1.79 -18.20 -6.40
N GLU B 120 2.66 -17.19 -6.48
CA GLU B 120 3.33 -16.68 -5.31
C GLU B 120 3.89 -15.28 -5.56
N GLU B 121 3.69 -14.40 -4.58
CA GLU B 121 4.24 -13.04 -4.62
C GLU B 121 4.19 -12.37 -6.01
N ASN B 122 5.31 -12.40 -6.72
CA ASN B 122 5.40 -11.70 -8.00
C ASN B 122 4.93 -12.53 -9.19
N VAL B 123 4.13 -13.57 -8.91
CA VAL B 123 3.69 -14.49 -9.96
C VAL B 123 2.25 -14.96 -9.77
N ILE B 124 1.55 -15.12 -10.88
CA ILE B 124 0.25 -15.78 -10.90
C ILE B 124 0.26 -16.87 -11.97
N ILE B 125 0.19 -18.12 -11.55
CA ILE B 125 0.29 -19.26 -12.46
C ILE B 125 -1.03 -19.56 -13.15
N GLY B 126 -0.98 -19.76 -14.46
CA GLY B 126 -2.17 -20.04 -15.24
C GLY B 126 -2.49 -21.52 -15.29
N VAL B 127 -3.63 -21.84 -15.91
CA VAL B 127 -4.11 -23.22 -15.98
C VAL B 127 -3.13 -24.13 -16.72
N ASP B 128 -2.43 -23.58 -17.70
CA ASP B 128 -1.40 -24.32 -18.40
C ASP B 128 -0.09 -24.31 -17.62
N ASP B 129 -0.19 -24.01 -16.33
CA ASP B 129 0.98 -23.96 -15.45
C ASP B 129 2.05 -22.99 -15.93
N ILE B 130 1.64 -21.97 -16.67
CA ILE B 130 2.55 -20.92 -17.10
C ILE B 130 2.44 -19.70 -16.19
N PRO B 131 3.55 -19.31 -15.55
CA PRO B 131 3.62 -18.16 -14.63
C PRO B 131 3.36 -16.82 -15.32
N ILE B 132 2.58 -15.97 -14.66
CA ILE B 132 2.35 -14.60 -15.13
C ILE B 132 2.90 -13.59 -14.13
N SER B 133 3.56 -12.55 -14.62
CA SER B 133 4.09 -11.50 -13.75
C SER B 133 2.97 -10.60 -13.22
N THR B 134 2.85 -10.52 -11.91
CA THR B 134 1.82 -9.69 -11.29
C THR B 134 1.96 -8.25 -11.77
N HIS B 135 3.20 -7.79 -11.93
CA HIS B 135 3.46 -6.44 -12.39
C HIS B 135 2.92 -6.22 -13.78
N GLU B 136 3.00 -7.24 -14.61
CA GLU B 136 2.56 -7.14 -15.99
C GLU B 136 1.05 -6.96 -16.08
N ILE B 137 0.32 -7.59 -15.16
CA ILE B 137 -1.13 -7.46 -15.17
C ILE B 137 -1.55 -6.10 -14.63
N TYR B 138 -0.75 -5.54 -13.72
CA TYR B 138 -1.03 -4.20 -13.19
C TYR B 138 -0.75 -3.16 -14.27
N ASP B 139 0.25 -3.42 -15.10
CA ASP B 139 0.57 -2.53 -16.21
C ASP B 139 -0.63 -2.40 -17.14
N LEU B 140 -1.37 -3.50 -17.29
CA LEU B 140 -2.53 -3.51 -18.18
C LEU B 140 -3.63 -2.55 -17.71
N LEU B 141 -3.70 -2.31 -16.40
CA LEU B 141 -4.69 -1.39 -15.86
C LEU B 141 -4.18 0.05 -15.74
N ASN B 142 -2.92 0.29 -16.08
CA ASN B 142 -2.40 1.66 -15.98
C ASN B 142 -3.04 2.57 -17.03
N ALA B 143 -2.98 3.87 -16.77
CA ALA B 143 -3.70 4.85 -17.58
C ALA B 143 -3.22 4.83 -19.01
N ALA B 144 -2.07 4.21 -19.24
CA ALA B 144 -1.51 4.10 -20.58
C ALA B 144 -2.19 2.98 -21.38
N ASN B 145 -2.55 1.90 -20.69
CA ASN B 145 -3.15 0.74 -21.36
C ASN B 145 -4.65 0.63 -21.13
N ALA B 146 -5.15 1.34 -20.12
CA ALA B 146 -6.59 1.41 -19.86
C ALA B 146 -7.00 2.86 -19.65
N PRO B 147 -7.07 3.63 -20.75
CA PRO B 147 -7.46 5.04 -20.75
C PRO B 147 -8.93 5.18 -20.41
N ARG B 148 -9.67 4.09 -20.61
CA ARG B 148 -11.08 4.06 -20.24
C ARG B 148 -11.20 3.93 -18.73
N LEU B 149 -10.05 3.81 -18.08
CA LEU B 149 -9.98 3.72 -16.61
C LEU B 149 -9.04 4.77 -16.04
N ALA B 150 -8.37 5.51 -16.91
CA ALA B 150 -7.46 6.55 -16.47
C ALA B 150 -8.20 7.47 -15.53
N ASN B 151 -7.59 7.76 -14.38
CA ASN B 151 -8.16 8.70 -13.41
C ASN B 151 -9.28 8.11 -12.57
N LYS B 152 -9.50 6.80 -12.70
CA LYS B 152 -10.53 6.10 -11.95
C LYS B 152 -9.90 5.01 -11.11
N PRO B 153 -10.37 4.84 -9.86
CA PRO B 153 -9.84 3.83 -8.94
C PRO B 153 -9.95 2.43 -9.51
N LYS B 154 -8.89 1.64 -9.35
CA LYS B 154 -8.90 0.24 -9.75
C LYS B 154 -8.43 -0.62 -8.58
N ILE B 155 -9.31 -1.50 -8.10
CA ILE B 155 -9.01 -2.36 -6.96
C ILE B 155 -8.75 -3.77 -7.44
N VAL B 156 -7.55 -4.28 -7.21
CA VAL B 156 -7.26 -5.63 -7.62
C VAL B 156 -7.18 -6.56 -6.41
N PHE B 157 -8.01 -7.60 -6.41
CA PHE B 157 -7.94 -8.64 -5.39
C PHE B 157 -7.20 -9.84 -5.94
N VAL B 158 -6.12 -10.25 -5.29
CA VAL B 158 -5.46 -11.49 -5.69
C VAL B 158 -5.49 -12.51 -4.55
N GLN B 159 -6.12 -13.66 -4.81
CA GLN B 159 -6.09 -14.79 -3.89
C GLN B 159 -5.18 -15.87 -4.49
N ALA B 160 -3.88 -15.77 -4.24
CA ALA B 160 -2.90 -16.69 -4.82
C ALA B 160 -2.39 -17.72 -3.82
N SER B 161 -2.34 -18.99 -4.26
CA SER B 161 -2.02 -20.10 -3.36
C SER B 161 -0.78 -20.91 -3.76
N ARG B 162 -0.10 -21.45 -2.74
CA ARG B 162 1.00 -22.37 -2.93
C ARG B 162 1.09 -23.34 -1.75
N ARG B 210 -2.00 19.82 -15.28
CA ARG B 210 -1.21 18.87 -14.51
C ARG B 210 -1.40 17.45 -15.05
N LYS B 211 -0.51 16.54 -14.62
CA LYS B 211 -0.57 15.15 -15.04
C LYS B 211 -0.39 14.22 -13.84
N LYS B 212 -0.98 13.04 -13.93
CA LYS B 212 -0.76 12.01 -12.92
C LYS B 212 0.22 10.98 -13.45
N PRO B 213 0.90 10.29 -12.55
CA PRO B 213 1.67 9.12 -12.99
C PRO B 213 0.70 8.08 -13.50
N SER B 214 1.09 7.29 -14.49
CA SER B 214 0.17 6.34 -15.10
C SER B 214 -0.18 5.20 -14.14
N GLN B 215 0.69 4.96 -13.16
CA GLN B 215 0.45 3.88 -12.20
C GLN B 215 -0.44 4.30 -11.03
N ALA B 216 -0.86 5.56 -11.05
CA ALA B 216 -1.79 6.10 -10.05
C ALA B 216 -3.12 5.32 -9.95
N ASP B 217 -3.80 5.52 -8.82
CA ASP B 217 -5.18 5.11 -8.64
C ASP B 217 -5.41 3.60 -8.56
N ILE B 218 -4.38 2.83 -8.28
CA ILE B 218 -4.53 1.38 -8.21
C ILE B 218 -4.27 0.83 -6.80
N LEU B 219 -5.07 -0.14 -6.39
CA LEU B 219 -4.87 -0.80 -5.10
C LEU B 219 -4.91 -2.30 -5.28
N ILE B 220 -3.87 -2.98 -4.83
CA ILE B 220 -3.86 -4.43 -4.86
C ILE B 220 -4.05 -5.00 -3.45
N ALA B 221 -5.05 -5.86 -3.31
CA ALA B 221 -5.21 -6.65 -2.09
C ALA B 221 -4.66 -8.03 -2.38
N TYR B 222 -3.50 -8.35 -1.83
CA TYR B 222 -2.84 -9.61 -2.14
C TYR B 222 -2.84 -10.58 -0.96
N ALA B 223 -3.50 -11.72 -1.14
CA ALA B 223 -3.58 -12.75 -0.10
C ALA B 223 -2.89 -14.02 -0.58
N THR B 224 -2.03 -14.57 0.26
CA THR B 224 -1.24 -15.74 -0.09
C THR B 224 -1.57 -16.94 0.80
N THR B 225 -1.57 -18.13 0.21
CA THR B 225 -1.95 -19.36 0.91
C THR B 225 -0.76 -20.29 1.14
N GLY B 237 -14.51 -22.74 1.26
CA GLY B 237 -14.14 -21.37 0.95
C GLY B 237 -12.83 -20.95 1.59
N SER B 238 -12.57 -19.64 1.57
CA SER B 238 -11.34 -19.10 2.12
C SER B 238 -11.60 -18.21 3.33
N TRP B 239 -10.67 -18.24 4.29
CA TRP B 239 -10.74 -17.36 5.44
C TRP B 239 -10.72 -15.91 4.93
N PHE B 240 -9.85 -15.66 3.95
CA PHE B 240 -9.70 -14.32 3.39
C PHE B 240 -10.95 -13.84 2.66
N ILE B 241 -11.37 -14.63 1.67
CA ILE B 241 -12.57 -14.30 0.89
C ILE B 241 -13.75 -14.09 1.84
N GLN B 242 -13.97 -15.05 2.73
CA GLN B 242 -15.04 -14.92 3.72
C GLN B 242 -14.92 -13.62 4.50
N ALA B 243 -13.74 -13.33 5.04
CA ALA B 243 -13.49 -12.10 5.77
C ALA B 243 -13.86 -10.90 4.93
N VAL B 244 -13.31 -10.85 3.72
CA VAL B 244 -13.61 -9.80 2.77
C VAL B 244 -15.12 -9.55 2.64
N CYS B 245 -15.86 -10.63 2.43
CA CYS B 245 -17.32 -10.54 2.29
C CYS B 245 -17.98 -10.04 3.59
N GLU B 246 -17.50 -10.53 4.72
CA GLU B 246 -18.07 -10.12 5.99
C GLU B 246 -17.85 -8.63 6.23
N VAL B 247 -16.60 -8.21 6.13
CA VAL B 247 -16.23 -6.85 6.46
C VAL B 247 -16.89 -5.86 5.49
N PHE B 248 -16.76 -6.14 4.20
CA PHE B 248 -17.37 -5.29 3.18
C PHE B 248 -18.88 -5.15 3.41
N SER B 249 -19.57 -6.27 3.59
CA SER B 249 -21.01 -6.27 3.83
C SER B 249 -21.41 -5.17 4.82
N THR B 250 -20.74 -5.17 5.96
CA THR B 250 -21.16 -4.33 7.08
C THR B 250 -20.61 -2.92 7.01
N HIS B 251 -19.48 -2.75 6.33
CA HIS B 251 -18.76 -1.49 6.40
C HIS B 251 -18.46 -0.80 5.07
N ALA B 252 -18.65 -1.49 3.95
CA ALA B 252 -18.44 -0.87 2.64
C ALA B 252 -19.18 0.47 2.55
N LYS B 253 -20.34 0.53 3.18
CA LYS B 253 -21.13 1.75 3.20
C LYS B 253 -20.41 2.94 3.84
N ASP B 254 -19.64 2.69 4.91
CA ASP B 254 -19.06 3.78 5.69
C ASP B 254 -17.53 3.77 5.89
N MET B 255 -16.84 2.76 5.36
CA MET B 255 -15.38 2.73 5.40
C MET B 255 -14.82 2.75 3.98
N ASP B 256 -13.67 3.41 3.78
CA ASP B 256 -13.02 3.31 2.49
C ASP B 256 -12.26 1.99 2.41
N VAL B 257 -11.88 1.60 1.21
CA VAL B 257 -11.29 0.27 1.00
C VAL B 257 -10.10 -0.07 1.90
N VAL B 258 -9.23 0.89 2.15
CA VAL B 258 -8.04 0.61 2.93
C VAL B 258 -8.39 0.27 4.38
N GLU B 259 -9.37 0.98 4.93
CA GLU B 259 -9.88 0.68 6.25
C GLU B 259 -10.51 -0.70 6.24
N LEU B 260 -11.30 -0.96 5.21
CA LEU B 260 -11.98 -2.25 5.04
C LEU B 260 -10.97 -3.39 5.04
N LEU B 261 -9.94 -3.27 4.20
CA LEU B 261 -8.92 -4.31 4.09
C LEU B 261 -8.08 -4.42 5.36
N THR B 262 -8.00 -3.34 6.13
CA THR B 262 -7.32 -3.38 7.41
C THR B 262 -8.12 -4.22 8.41
N GLU B 263 -9.43 -4.01 8.42
CA GLU B 263 -10.33 -4.87 9.17
C GLU B 263 -10.21 -6.33 8.74
N VAL B 264 -10.16 -6.54 7.43
CA VAL B 264 -9.98 -7.89 6.90
C VAL B 264 -8.72 -8.51 7.50
N ASN B 265 -7.62 -7.77 7.42
CA ASN B 265 -6.37 -8.20 8.04
C ASN B 265 -6.56 -8.57 9.51
N LYS B 266 -7.43 -7.84 10.18
CA LYS B 266 -7.71 -8.08 11.59
C LYS B 266 -8.52 -9.37 11.73
N LYS B 267 -9.54 -9.52 10.89
CA LYS B 267 -10.38 -10.72 10.90
C LYS B 267 -9.57 -11.99 10.73
N VAL B 268 -8.74 -12.03 9.69
CA VAL B 268 -7.92 -13.21 9.42
C VAL B 268 -6.90 -13.50 10.53
N ALA B 269 -6.15 -12.48 10.91
CA ALA B 269 -5.06 -12.63 11.88
C ALA B 269 -5.57 -13.09 13.24
N CYS B 270 -6.42 -12.28 13.86
CA CYS B 270 -6.99 -12.62 15.15
C CYS B 270 -7.97 -13.77 15.04
N GLY B 271 -8.85 -13.70 14.05
CA GLY B 271 -9.86 -14.72 13.85
C GLY B 271 -9.32 -15.96 13.19
N MET B 284 -0.04 -13.80 5.75
CA MET B 284 -0.56 -12.50 6.18
C MET B 284 -0.89 -11.61 4.99
N PRO B 285 -2.20 -11.38 4.74
CA PRO B 285 -2.66 -10.55 3.63
C PRO B 285 -1.97 -9.20 3.62
N GLU B 286 -1.78 -8.62 2.44
CA GLU B 286 -1.15 -7.32 2.35
C GLU B 286 -1.88 -6.44 1.36
N MET B 287 -1.93 -5.15 1.61
CA MET B 287 -2.54 -4.25 0.65
C MET B 287 -1.49 -3.27 0.16
N THR B 288 -1.41 -3.13 -1.16
CA THR B 288 -0.49 -2.19 -1.77
C THR B 288 -1.34 -1.10 -2.41
N SER B 289 -1.18 0.12 -1.93
CA SER B 289 -2.05 1.22 -2.33
C SER B 289 -1.32 2.31 -3.10
N ARG B 290 -1.81 2.63 -4.29
CA ARG B 290 -1.33 3.79 -5.04
C ARG B 290 -2.44 4.79 -5.22
N LEU B 291 -3.41 4.78 -4.31
CA LEU B 291 -4.50 5.73 -4.34
C LEU B 291 -4.05 7.09 -3.84
N LEU B 292 -4.66 8.14 -4.38
CA LEU B 292 -4.32 9.51 -4.01
C LEU B 292 -5.37 10.03 -3.04
N LYS B 293 -6.51 9.33 -2.99
CA LYS B 293 -7.65 9.75 -2.19
C LYS B 293 -8.35 8.53 -1.61
N LYS B 294 -9.34 8.78 -0.76
CA LYS B 294 -10.10 7.71 -0.15
C LYS B 294 -11.09 7.14 -1.15
N PHE B 295 -11.22 5.82 -1.14
CA PHE B 295 -12.16 5.17 -2.04
C PHE B 295 -13.23 4.41 -1.28
N TYR B 296 -14.46 4.90 -1.39
CA TYR B 296 -15.63 4.24 -0.82
C TYR B 296 -16.40 3.59 -1.93
N PHE B 297 -16.96 2.42 -1.66
CA PHE B 297 -17.79 1.70 -2.62
C PHE B 297 -19.16 2.34 -2.72
N TRP B 298 -19.62 2.94 -1.63
CA TRP B 298 -20.96 3.53 -1.55
C TRP B 298 -22.06 2.69 -2.18
N PRO B 299 -22.28 1.48 -1.65
CA PRO B 299 -23.30 0.56 -2.17
C PRO B 299 -24.71 1.06 -1.86
N GLU B 300 -25.53 1.28 -2.89
CA GLU B 300 -26.94 1.60 -2.65
C GLU B 300 -27.92 0.59 -3.22
N ALA B 301 -28.94 1.10 -3.93
CA ALA B 301 -30.03 0.27 -4.45
C ALA B 301 -29.77 -0.24 -5.87
N ARG B 302 -28.52 -0.59 -6.15
CA ARG B 302 -28.13 -1.10 -7.46
C ARG B 302 -27.71 -2.55 -7.35
N ASN B 303 -28.38 -3.24 -6.45
CA ASN B 303 -28.12 -4.65 -6.18
C ASN B 303 -28.16 -5.52 -7.43
#